data_8UK4
#
_entry.id   8UK4
#
_cell.length_a   98.795
_cell.length_b   98.795
_cell.length_c   80.290
_cell.angle_alpha   90.00
_cell.angle_beta   90.00
_cell.angle_gamma   120.00
#
_symmetry.space_group_name_H-M   'P 61'
#
loop_
_entity.id
_entity.type
_entity.pdbx_description
1 polymer 'DNA polymerase eta'
2 polymer "DNA (5'-D(*CP*AP*TP*(UD8)P*AP*TP*GP*AP*CP*GP*CP*T)-3')"
3 polymer "DNA (5'-D(*AP*GP*CP*GP*TP*CP*AP*T)-3')"
4 non-polymer "5'-O-[(R)-hydroxy{[(R)-hydroxy(phosphonooxy)phosphoryl]amino}phosphoryl]thymidine"
5 non-polymer 'MAGNESIUM ION'
6 water water
#
loop_
_entity_poly.entity_id
_entity_poly.type
_entity_poly.pdbx_seq_one_letter_code
_entity_poly.pdbx_strand_id
1 'polypeptide(L)'
;GPHMATGQDRVVALVDMDCFFVQVEQRQNPHLRNKPCAVVQYKSWKGGGIIAVSYEARAFGVTRSMWADDAKKLCPDLLL
AQVRESRGKANLTKYREASVEVMEIMSRFAVIERASIDEAYVDLTSAVQERLQKLQGQPISADLLPSTYIEGLPQGPTTA
EETVQKEGMRKQGLFQWLDSLQIDNLTSPDLQLTVGAVIVEEMRAAIERETGFQCSAGISHNKVLAKLACGLNKPNRQTL
VSHGSVPQLFSQMPIRKIRSLGGKLGASVIEILGIEYMGELTQFTESQLQSHFGEKNGSWLYAMCRGIEHDPVKPRQLPK
TIGCSKNFPGKTALATREQVQWWLLQLAQELEERLTKDRNDNDRVATQLVVSIRVQGDKRLSSLRRCCALTRYDAHKMSH
DAFTVIKNCNTSGIQTEWSPPLTMLFLCATKFSAS
;
A
2 'polydeoxyribonucleotide' (DC)(DA)(DT)(XB9)(DA)(DT)(DG)(DA)(DC)(DG)(DC)(DT) T
3 'polydeoxyribonucleotide' (DA)(DG)(DC)(DG)(DT)(DC)(DA)(DT) P
#
loop_
_chem_comp.id
_chem_comp.type
_chem_comp.name
_chem_comp.formula
1FZ non-polymer 5'-O-[(R)-hydroxy{[(R)-hydroxy(phosphonooxy)phosphoryl]amino}phosphoryl]thymidine 'C10 H18 N3 O13 P3'
DA DNA linking 2'-DEOXYADENOSINE-5'-MONOPHOSPHATE 'C10 H14 N5 O6 P'
DC DNA linking 2'-DEOXYCYTIDINE-5'-MONOPHOSPHATE 'C9 H14 N3 O7 P'
DG DNA linking 2'-DEOXYGUANOSINE-5'-MONOPHOSPHATE 'C10 H14 N5 O7 P'
DT DNA linking THYMIDINE-5'-MONOPHOSPHATE 'C10 H15 N2 O8 P'
MG non-polymer 'MAGNESIUM ION' 'Mg 2'
XB9 non-polymer N-carbamoyl-2-deoxy-5-O-phosphono-beta-D-erythro-pentofuranosylamine 'C6 H13 N2 O7 P'
#
# COMPACT_ATOMS: atom_id res chain seq x y z
N ALA A 5 -13.79 20.07 13.81
CA ALA A 5 -13.48 18.87 13.04
C ALA A 5 -13.91 17.63 13.82
N THR A 6 -13.39 17.53 15.06
CA THR A 6 -13.64 16.41 15.98
C THR A 6 -13.49 15.04 15.28
N GLY A 7 -12.59 14.98 14.30
CA GLY A 7 -12.31 13.75 13.56
C GLY A 7 -13.51 13.16 12.87
N GLN A 8 -14.35 14.01 12.25
CA GLN A 8 -15.57 13.52 11.62
C GLN A 8 -15.99 14.32 10.39
N ASP A 9 -15.15 15.20 9.86
CA ASP A 9 -15.52 15.87 8.61
C ASP A 9 -15.65 14.82 7.50
N ARG A 10 -14.50 14.37 7.00
CA ARG A 10 -14.46 13.63 5.76
C ARG A 10 -15.08 12.24 5.91
N VAL A 11 -15.40 11.64 4.76
CA VAL A 11 -15.68 10.22 4.62
C VAL A 11 -14.59 9.65 3.72
N VAL A 12 -13.72 8.80 4.28
CA VAL A 12 -12.51 8.31 3.64
C VAL A 12 -12.50 6.79 3.66
N ALA A 13 -12.01 6.18 2.58
CA ALA A 13 -11.90 4.74 2.50
C ALA A 13 -10.49 4.36 2.01
N LEU A 14 -10.09 3.12 2.31
CA LEU A 14 -8.89 2.53 1.71
C LEU A 14 -9.21 1.12 1.24
N VAL A 15 -9.36 0.96 -0.07
CA VAL A 15 -9.48 -0.35 -0.69
C VAL A 15 -8.08 -0.95 -0.86
N ASP A 16 -8.01 -2.26 -0.83
CA ASP A 16 -6.73 -2.96 -0.84
C ASP A 16 -7.01 -4.35 -1.36
N MET A 17 -6.32 -4.74 -2.43
CA MET A 17 -6.58 -6.04 -3.03
C MET A 17 -5.93 -7.15 -2.22
N ASP A 18 -6.67 -8.25 -2.03
CA ASP A 18 -6.19 -9.37 -1.23
C ASP A 18 -5.19 -10.18 -2.05
N CYS A 19 -4.00 -10.42 -1.48
N CYS A 19 -3.99 -10.38 -1.50
CA CYS A 19 -2.82 -10.97 -2.15
CA CYS A 19 -2.86 -11.03 -2.19
C CYS A 19 -2.82 -10.63 -3.64
C CYS A 19 -2.82 -10.64 -3.66
N PHE A 20 -2.50 -9.38 -3.96
CA PHE A 20 -2.77 -8.84 -5.29
C PHE A 20 -2.10 -9.65 -6.38
N PHE A 21 -0.77 -9.80 -6.30
CA PHE A 21 -0.06 -10.54 -7.35
C PHE A 21 -0.64 -11.94 -7.51
N VAL A 22 -0.89 -12.62 -6.39
CA VAL A 22 -1.39 -13.99 -6.41
C VAL A 22 -2.72 -14.08 -7.14
N GLN A 23 -3.64 -13.16 -6.84
CA GLN A 23 -4.92 -13.16 -7.57
C GLN A 23 -4.69 -12.97 -9.07
N VAL A 24 -3.80 -12.06 -9.44
CA VAL A 24 -3.53 -11.80 -10.85
C VAL A 24 -3.08 -13.07 -11.55
N GLU A 25 -2.14 -13.80 -10.93
CA GLU A 25 -1.74 -15.09 -11.47
C GLU A 25 -2.81 -16.15 -11.25
N GLN A 26 -3.64 -16.01 -10.20
CA GLN A 26 -4.74 -16.92 -9.99
C GLN A 26 -5.83 -16.75 -11.05
N ARG A 27 -6.02 -15.54 -11.55
CA ARG A 27 -7.00 -15.35 -12.61
C ARG A 27 -6.46 -15.80 -13.97
N GLN A 28 -5.14 -15.80 -14.13
CA GLN A 28 -4.54 -16.25 -15.37
C GLN A 28 -4.53 -17.78 -15.47
N ASN A 29 -3.79 -18.45 -14.58
CA ASN A 29 -3.72 -19.91 -14.59
C ASN A 29 -4.68 -20.45 -13.55
N PRO A 30 -5.86 -20.95 -13.95
CA PRO A 30 -6.92 -21.20 -12.96
C PRO A 30 -6.68 -22.41 -12.06
N HIS A 31 -5.75 -23.30 -12.40
CA HIS A 31 -5.36 -24.33 -11.44
C HIS A 31 -4.91 -23.73 -10.11
N LEU A 32 -4.39 -22.50 -10.15
CA LEU A 32 -3.94 -21.80 -8.96
C LEU A 32 -5.10 -21.29 -8.09
N ARG A 33 -6.33 -21.34 -8.60
CA ARG A 33 -7.45 -20.87 -7.81
C ARG A 33 -7.71 -21.79 -6.62
N ASN A 34 -8.10 -21.20 -5.49
CA ASN A 34 -8.50 -21.96 -4.29
C ASN A 34 -7.45 -23.01 -3.91
N LYS A 35 -6.20 -22.72 -4.24
CA LYS A 35 -5.09 -23.59 -3.88
C LYS A 35 -4.03 -22.75 -3.18
N PRO A 36 -3.37 -23.32 -2.18
CA PRO A 36 -2.25 -22.62 -1.52
C PRO A 36 -1.10 -22.42 -2.49
N CYS A 37 -0.68 -21.17 -2.66
CA CYS A 37 0.32 -20.86 -3.69
C CYS A 37 0.85 -19.46 -3.47
N ALA A 38 2.10 -19.25 -3.88
CA ALA A 38 2.75 -17.96 -3.75
C ALA A 38 3.38 -17.53 -5.07
N VAL A 39 3.87 -16.29 -5.09
CA VAL A 39 4.55 -15.74 -6.26
C VAL A 39 6.00 -15.45 -5.87
N VAL A 40 6.91 -15.61 -6.83
CA VAL A 40 8.33 -15.55 -6.56
C VAL A 40 9.06 -14.68 -7.57
N GLN A 41 10.04 -13.93 -7.07
CA GLN A 41 11.02 -13.19 -7.88
C GLN A 41 12.33 -13.99 -7.96
N TYR A 42 12.81 -14.21 -9.18
CA TYR A 42 14.06 -14.95 -9.48
C TYR A 42 13.94 -16.42 -9.11
N LYS A 43 14.79 -17.27 -9.69
CA LYS A 43 14.68 -18.72 -9.56
C LYS A 43 15.93 -19.45 -9.07
N SER A 44 17.12 -18.85 -9.17
CA SER A 44 18.36 -19.58 -8.93
C SER A 44 18.58 -19.86 -7.44
N TRP A 45 18.90 -18.81 -6.69
CA TRP A 45 19.22 -18.92 -5.26
C TRP A 45 18.01 -19.43 -4.47
N LYS A 46 17.98 -20.73 -4.18
CA LYS A 46 16.99 -21.33 -3.28
C LYS A 46 15.55 -21.16 -3.79
N GLY A 47 15.35 -21.32 -5.08
CA GLY A 47 13.99 -21.35 -5.64
C GLY A 47 13.30 -20.01 -5.79
N GLY A 48 13.88 -18.94 -5.30
CA GLY A 48 13.25 -17.64 -5.50
C GLY A 48 12.72 -17.05 -4.21
N GLY A 49 12.63 -15.72 -4.18
CA GLY A 49 12.11 -15.01 -3.02
C GLY A 49 10.61 -14.75 -3.16
N ILE A 50 9.88 -15.04 -2.11
CA ILE A 50 8.44 -14.85 -2.12
C ILE A 50 8.12 -13.37 -1.92
N ILE A 51 6.98 -12.93 -2.48
CA ILE A 51 6.50 -11.55 -2.32
C ILE A 51 5.00 -11.53 -2.08
N ALA A 52 4.31 -12.65 -2.32
CA ALA A 52 2.86 -12.65 -2.21
C ALA A 52 2.33 -14.07 -2.05
N VAL A 53 1.37 -14.25 -1.15
CA VAL A 53 0.94 -15.55 -0.66
C VAL A 53 -0.59 -15.63 -0.64
N SER A 54 -1.16 -16.58 -1.38
CA SER A 54 -2.57 -16.91 -1.24
C SER A 54 -2.89 -17.25 0.22
N TYR A 55 -4.12 -16.95 0.65
CA TYR A 55 -4.48 -17.19 2.04
C TYR A 55 -4.56 -18.69 2.37
N GLU A 56 -4.94 -19.53 1.42
CA GLU A 56 -4.85 -20.96 1.68
C GLU A 56 -3.41 -21.41 1.93
N ALA A 57 -2.40 -20.57 1.62
CA ALA A 57 -1.00 -20.89 1.84
C ALA A 57 -0.40 -20.20 3.07
N ARG A 58 -0.96 -19.07 3.49
CA ARG A 58 -0.65 -18.53 4.81
C ARG A 58 -1.16 -19.45 5.93
N ALA A 59 -2.09 -20.36 5.61
CA ALA A 59 -2.58 -21.32 6.59
C ALA A 59 -1.52 -22.30 7.02
N PHE A 60 -0.48 -22.50 6.21
CA PHE A 60 0.64 -23.34 6.57
C PHE A 60 1.80 -22.57 7.18
N GLY A 61 1.80 -21.24 7.09
CA GLY A 61 2.89 -20.44 7.61
C GLY A 61 3.72 -19.66 6.59
N VAL A 62 3.26 -19.59 5.34
CA VAL A 62 4.08 -19.03 4.26
C VAL A 62 3.98 -17.52 4.30
N THR A 63 5.12 -16.85 4.47
CA THR A 63 5.23 -15.40 4.51
C THR A 63 6.05 -14.90 3.34
N ARG A 64 5.89 -13.61 3.02
CA ARG A 64 6.75 -12.97 2.06
C ARG A 64 8.17 -12.83 2.64
N SER A 65 9.09 -12.40 1.78
CA SER A 65 10.49 -12.24 2.16
C SER A 65 11.00 -13.52 2.80
N MET A 66 10.71 -14.62 2.14
CA MET A 66 11.05 -15.96 2.56
C MET A 66 11.41 -16.75 1.31
N TRP A 67 12.44 -17.58 1.40
CA TRP A 67 12.88 -18.36 0.24
C TRP A 67 11.82 -19.38 -0.15
N ALA A 68 11.52 -19.44 -1.45
CA ALA A 68 10.56 -20.43 -1.95
C ALA A 68 10.97 -21.84 -1.55
N ASP A 69 12.28 -22.10 -1.44
CA ASP A 69 12.77 -23.42 -1.03
C ASP A 69 12.57 -23.68 0.45
N ASP A 70 12.40 -22.63 1.26
CA ASP A 70 12.09 -22.77 2.68
C ASP A 70 10.60 -22.96 2.91
N ALA A 71 9.78 -22.12 2.26
CA ALA A 71 8.32 -22.22 2.38
C ALA A 71 7.78 -23.48 1.71
N LYS A 72 8.56 -24.09 0.82
CA LYS A 72 8.24 -25.44 0.36
C LYS A 72 8.42 -26.47 1.47
N LYS A 73 9.28 -26.21 2.47
CA LYS A 73 9.36 -27.08 3.64
C LYS A 73 8.22 -26.82 4.61
N LEU A 74 7.60 -25.62 4.56
CA LEU A 74 6.40 -25.37 5.36
C LEU A 74 5.15 -25.88 4.66
N CYS A 75 5.05 -25.70 3.34
CA CYS A 75 3.89 -26.14 2.61
C CYS A 75 4.31 -27.10 1.50
N PRO A 76 3.72 -28.28 1.42
CA PRO A 76 4.13 -29.22 0.38
C PRO A 76 3.39 -29.00 -0.94
N ASP A 77 2.07 -28.92 -0.92
CA ASP A 77 1.28 -28.74 -2.14
C ASP A 77 1.05 -27.25 -2.45
N LEU A 78 2.14 -26.48 -2.44
CA LEU A 78 2.12 -25.03 -2.61
C LEU A 78 2.62 -24.68 -4.01
N LEU A 79 1.80 -24.00 -4.78
CA LEU A 79 2.15 -23.73 -6.16
C LEU A 79 3.02 -22.47 -6.25
N LEU A 80 3.58 -22.25 -7.43
CA LEU A 80 4.63 -21.24 -7.58
C LEU A 80 4.52 -20.60 -8.97
N ALA A 81 3.97 -19.40 -9.00
CA ALA A 81 4.07 -18.54 -10.15
C ALA A 81 5.27 -17.63 -9.95
N GLN A 82 6.14 -17.60 -10.94
CA GLN A 82 7.28 -16.69 -10.91
C GLN A 82 6.93 -15.41 -11.66
N VAL A 83 7.26 -14.27 -11.05
CA VAL A 83 7.20 -12.99 -11.75
C VAL A 83 8.00 -13.06 -13.04
N ARG A 84 7.39 -12.63 -14.15
CA ARG A 84 8.14 -12.52 -15.41
C ARG A 84 9.43 -11.75 -15.20
N GLU A 85 10.51 -12.30 -15.73
CA GLU A 85 11.84 -11.69 -15.61
C GLU A 85 12.23 -11.13 -16.96
N SER A 86 12.79 -9.93 -16.96
CA SER A 86 13.25 -9.36 -18.22
C SER A 86 14.57 -8.66 -18.00
N ARG A 87 15.52 -8.93 -18.89
CA ARG A 87 16.88 -8.38 -18.80
C ARG A 87 17.58 -8.77 -17.50
N GLY A 88 17.17 -9.90 -16.91
CA GLY A 88 17.70 -10.33 -15.63
C GLY A 88 17.09 -9.66 -14.43
N LYS A 89 15.93 -9.02 -14.55
CA LYS A 89 15.28 -8.40 -13.40
C LYS A 89 13.77 -8.54 -13.53
N ALA A 90 13.05 -8.04 -12.52
CA ALA A 90 11.62 -8.29 -12.39
C ALA A 90 10.81 -7.46 -13.38
N ASN A 91 9.95 -8.12 -14.14
CA ASN A 91 9.08 -7.45 -15.10
C ASN A 91 7.66 -7.54 -14.54
N LEU A 92 7.27 -6.50 -13.81
CA LEU A 92 5.99 -6.44 -13.14
C LEU A 92 4.91 -5.78 -13.99
N THR A 93 5.08 -5.78 -15.32
CA THR A 93 4.07 -5.17 -16.19
C THR A 93 2.69 -5.75 -15.89
N LYS A 94 2.57 -7.08 -15.90
CA LYS A 94 1.34 -7.81 -15.63
C LYS A 94 0.54 -7.10 -14.54
N TYR A 95 1.19 -6.88 -13.40
CA TYR A 95 0.51 -6.36 -12.22
C TYR A 95 0.19 -4.87 -12.31
N ARG A 96 1.04 -4.08 -12.96
CA ARG A 96 0.70 -2.68 -13.16
C ARG A 96 -0.49 -2.55 -14.10
N GLU A 97 -0.53 -3.36 -15.15
CA GLU A 97 -1.71 -3.48 -15.98
C GLU A 97 -2.94 -3.81 -15.15
N ALA A 98 -2.87 -4.86 -14.32
CA ALA A 98 -4.00 -5.19 -13.45
C ALA A 98 -4.34 -4.02 -12.53
N SER A 99 -3.33 -3.26 -12.13
CA SER A 99 -3.53 -2.17 -11.19
C SER A 99 -4.35 -1.07 -11.82
N VAL A 100 -3.97 -0.65 -13.03
CA VAL A 100 -4.67 0.41 -13.75
C VAL A 100 -6.12 0.03 -14.01
N GLU A 101 -6.41 -1.28 -14.14
CA GLU A 101 -7.78 -1.73 -14.29
C GLU A 101 -8.60 -1.37 -13.07
N VAL A 102 -8.14 -1.79 -11.89
CA VAL A 102 -8.95 -1.62 -10.69
C VAL A 102 -9.15 -0.14 -10.37
N MET A 103 -8.18 0.70 -10.71
CA MET A 103 -8.30 2.11 -10.41
C MET A 103 -9.18 2.84 -11.40
N GLU A 104 -9.25 2.38 -12.65
CA GLU A 104 -10.29 2.88 -13.54
C GLU A 104 -11.67 2.62 -12.94
N ILE A 105 -11.87 1.42 -12.38
CA ILE A 105 -13.16 1.07 -11.80
C ILE A 105 -13.45 1.94 -10.59
N MET A 106 -12.51 2.00 -9.64
CA MET A 106 -12.71 2.78 -8.42
C MET A 106 -12.97 4.25 -8.73
N SER A 107 -12.19 4.82 -9.64
CA SER A 107 -12.33 6.23 -9.95
C SER A 107 -13.76 6.63 -10.31
N ARG A 108 -14.56 5.69 -10.82
CA ARG A 108 -15.96 5.99 -11.17
C ARG A 108 -16.79 6.44 -9.99
N PHE A 109 -16.29 6.33 -8.77
CA PHE A 109 -17.12 6.52 -7.59
C PHE A 109 -16.75 7.75 -6.77
N ALA A 110 -15.46 8.06 -6.63
CA ALA A 110 -14.99 9.17 -5.81
C ALA A 110 -13.54 9.47 -6.17
N VAL A 111 -13.04 10.62 -5.71
CA VAL A 111 -11.67 11.01 -6.00
C VAL A 111 -10.72 10.12 -5.20
N ILE A 112 -9.82 9.45 -5.90
CA ILE A 112 -8.96 8.50 -5.23
C ILE A 112 -7.51 8.95 -5.34
N GLU A 113 -6.71 8.51 -4.37
CA GLU A 113 -5.26 8.65 -4.37
C GLU A 113 -4.67 7.26 -4.46
N ARG A 114 -3.77 7.06 -5.42
CA ARG A 114 -3.11 5.77 -5.51
C ARG A 114 -2.16 5.62 -4.33
N ALA A 115 -2.47 4.69 -3.43
CA ALA A 115 -1.57 4.45 -2.32
C ALA A 115 -0.40 3.61 -2.83
N SER A 116 -0.53 2.29 -2.81
CA SER A 116 0.53 1.45 -3.33
C SER A 116 0.10 0.92 -4.70
N ILE A 117 0.77 -0.14 -5.17
CA ILE A 117 0.33 -0.75 -6.43
C ILE A 117 -1.05 -1.36 -6.27
N ASP A 118 -1.41 -1.81 -5.06
CA ASP A 118 -2.69 -2.46 -4.86
C ASP A 118 -3.59 -1.74 -3.86
N GLU A 119 -3.29 -0.50 -3.51
CA GLU A 119 -4.09 0.23 -2.52
C GLU A 119 -4.50 1.60 -3.07
N ALA A 120 -5.73 2.00 -2.75
CA ALA A 120 -6.19 3.34 -3.10
C ALA A 120 -7.05 3.89 -1.97
N TYR A 121 -6.69 5.08 -1.49
CA TYR A 121 -7.60 5.83 -0.62
C TYR A 121 -8.62 6.57 -1.46
N VAL A 122 -9.82 6.70 -0.92
CA VAL A 122 -10.95 7.30 -1.62
C VAL A 122 -11.55 8.35 -0.71
N ASP A 123 -11.90 9.51 -1.27
CA ASP A 123 -12.50 10.61 -0.51
C ASP A 123 -13.98 10.65 -0.87
N LEU A 124 -14.78 9.91 -0.11
CA LEU A 124 -16.20 9.73 -0.37
C LEU A 124 -17.05 10.88 0.14
N THR A 125 -16.44 11.82 0.86
CA THR A 125 -17.20 12.91 1.46
C THR A 125 -18.02 13.63 0.41
N SER A 126 -17.36 14.00 -0.70
CA SER A 126 -18.04 14.75 -1.74
C SER A 126 -19.20 13.97 -2.33
N ALA A 127 -19.14 12.64 -2.27
CA ALA A 127 -20.16 11.78 -2.86
C ALA A 127 -21.33 11.49 -1.92
N VAL A 128 -21.04 11.17 -0.65
CA VAL A 128 -22.09 10.83 0.30
C VAL A 128 -23.16 11.92 0.34
N GLN A 129 -22.75 13.17 0.21
CA GLN A 129 -23.70 14.29 0.16
C GLN A 129 -24.63 14.14 -1.02
N GLU A 130 -24.08 13.83 -2.19
CA GLU A 130 -24.86 13.71 -3.42
C GLU A 130 -25.61 12.38 -3.45
N ARG A 131 -26.33 12.08 -2.38
CA ARG A 131 -27.09 10.84 -2.29
C ARG A 131 -28.03 10.87 -1.10
N LEU A 132 -27.65 11.61 -0.05
CA LEU A 132 -28.46 11.68 1.16
C LEU A 132 -29.80 12.35 0.89
N GLN A 133 -29.79 13.46 0.14
CA GLN A 133 -31.01 14.09 -0.32
C GLN A 133 -31.55 13.44 -1.60
N LYS A 134 -30.77 12.54 -2.19
CA LYS A 134 -31.12 11.79 -3.39
C LYS A 134 -31.65 10.38 -3.05
N LEU A 135 -32.37 10.27 -1.95
CA LEU A 135 -33.07 9.04 -1.56
C LEU A 135 -34.11 9.35 -0.48
N GLN A 136 -34.39 10.64 -0.29
CA GLN A 136 -35.28 11.11 0.77
C GLN A 136 -34.76 10.66 2.13
N GLY A 137 -35.26 9.54 2.62
CA GLY A 137 -34.81 8.99 3.89
C GLY A 137 -34.89 7.48 3.91
N GLN A 138 -34.39 6.86 2.84
CA GLN A 138 -34.55 5.43 2.62
C GLN A 138 -34.08 4.65 3.85
N PRO A 139 -34.75 3.54 4.21
CA PRO A 139 -34.42 2.84 5.47
C PRO A 139 -32.98 2.37 5.56
N ILE A 140 -32.29 2.24 4.43
CA ILE A 140 -30.94 1.69 4.35
C ILE A 140 -30.98 0.27 4.89
N SER A 141 -31.51 -0.66 4.09
CA SER A 141 -31.65 -2.04 4.51
C SER A 141 -30.30 -2.71 4.66
N ALA A 142 -30.30 -3.82 5.42
CA ALA A 142 -29.07 -4.59 5.60
C ALA A 142 -28.61 -5.19 4.28
N ASP A 143 -29.55 -5.56 3.42
CA ASP A 143 -29.23 -6.16 2.13
C ASP A 143 -28.27 -5.31 1.28
N LEU A 144 -28.02 -4.06 1.67
CA LEU A 144 -27.13 -3.23 0.88
C LEU A 144 -25.68 -3.33 1.32
N LEU A 145 -25.43 -3.95 2.47
CA LEU A 145 -24.08 -4.08 3.03
C LEU A 145 -23.80 -5.54 3.40
N PRO A 146 -23.83 -6.44 2.42
CA PRO A 146 -23.66 -7.87 2.73
C PRO A 146 -22.25 -8.26 3.11
N SER A 147 -21.29 -7.32 3.11
CA SER A 147 -19.92 -7.66 3.40
C SER A 147 -19.33 -6.74 4.47
N THR A 148 -20.14 -5.89 5.07
CA THR A 148 -19.66 -4.95 6.07
C THR A 148 -19.77 -5.53 7.48
N TYR A 149 -18.73 -5.32 8.29
CA TYR A 149 -18.79 -5.44 9.75
C TYR A 149 -18.79 -4.03 10.34
N ILE A 150 -19.15 -3.94 11.62
CA ILE A 150 -19.11 -2.68 12.37
C ILE A 150 -18.18 -2.91 13.57
N GLU A 151 -16.94 -2.46 13.47
CA GLU A 151 -15.98 -2.63 14.55
C GLU A 151 -16.58 -2.19 15.88
N GLY A 152 -16.36 -3.00 16.91
CA GLY A 152 -16.92 -2.74 18.23
C GLY A 152 -18.36 -3.20 18.44
N LEU A 153 -18.92 -3.99 17.54
CA LEU A 153 -20.31 -4.43 17.62
C LEU A 153 -20.43 -5.89 17.21
N PRO A 154 -21.39 -6.65 17.80
CA PRO A 154 -22.49 -6.25 18.72
C PRO A 154 -22.19 -6.34 20.22
N GLN A 155 -22.91 -5.54 21.03
CA GLN A 155 -22.64 -5.33 22.45
C GLN A 155 -22.91 -6.56 23.32
N GLY A 156 -24.17 -6.79 23.70
CA GLY A 156 -24.50 -7.96 24.46
C GLY A 156 -25.67 -7.79 25.42
N PRO A 157 -26.40 -8.88 25.68
CA PRO A 157 -27.59 -8.80 26.53
C PRO A 157 -27.26 -8.58 28.01
N THR A 163 -23.95 -18.64 20.64
CA THR A 163 -23.80 -19.87 19.86
C THR A 163 -23.58 -19.51 18.39
N VAL A 164 -22.96 -18.37 18.17
CA VAL A 164 -22.81 -17.77 16.85
C VAL A 164 -21.59 -18.35 16.15
N GLN A 165 -21.66 -18.48 14.83
CA GLN A 165 -20.50 -18.68 13.99
C GLN A 165 -20.10 -17.33 13.38
N LYS A 166 -19.08 -17.33 12.52
CA LYS A 166 -18.47 -16.06 12.08
C LYS A 166 -19.49 -15.16 11.39
N GLU A 167 -20.30 -15.70 10.48
CA GLU A 167 -21.29 -14.86 9.79
C GLU A 167 -22.51 -14.57 10.66
N GLY A 168 -22.84 -15.47 11.60
CA GLY A 168 -23.86 -15.14 12.57
C GLY A 168 -23.55 -13.85 13.29
N MET A 169 -22.36 -13.78 13.90
CA MET A 169 -21.89 -12.57 14.56
C MET A 169 -21.89 -11.36 13.63
N ARG A 170 -21.82 -11.56 12.32
CA ARG A 170 -21.73 -10.45 11.39
C ARG A 170 -23.06 -9.72 11.27
N LYS A 171 -24.10 -10.42 10.78
CA LYS A 171 -25.46 -9.90 10.74
C LYS A 171 -25.80 -9.13 12.00
N GLN A 172 -25.50 -9.72 13.16
CA GLN A 172 -25.86 -9.15 14.46
C GLN A 172 -25.40 -7.71 14.58
N GLY A 173 -24.09 -7.48 14.48
CA GLY A 173 -23.58 -6.12 14.57
C GLY A 173 -24.10 -5.21 13.49
N LEU A 174 -24.47 -5.78 12.34
CA LEU A 174 -25.01 -4.95 11.27
C LEU A 174 -26.40 -4.46 11.63
N PHE A 175 -27.23 -5.34 12.20
CA PHE A 175 -28.56 -4.93 12.57
C PHE A 175 -28.56 -4.04 13.80
N GLN A 176 -27.58 -4.19 14.70
CA GLN A 176 -27.44 -3.25 15.81
C GLN A 176 -27.08 -1.87 15.30
N TRP A 177 -26.16 -1.81 14.33
CA TRP A 177 -25.87 -0.54 13.66
C TRP A 177 -27.14 0.10 13.12
N LEU A 178 -27.83 -0.60 12.21
CA LEU A 178 -28.98 0.00 11.52
C LEU A 178 -30.12 0.31 12.47
N ASP A 179 -30.23 -0.42 13.60
CA ASP A 179 -31.36 -0.21 14.50
C ASP A 179 -31.29 1.15 15.16
N SER A 180 -30.12 1.48 15.73
CA SER A 180 -29.89 2.81 16.28
C SER A 180 -29.57 3.82 15.21
N LEU A 181 -29.69 3.43 13.95
CA LEU A 181 -29.47 4.35 12.84
C LEU A 181 -30.55 5.44 12.84
N GLN A 182 -30.15 6.63 12.39
CA GLN A 182 -30.98 7.82 12.35
C GLN A 182 -31.08 8.25 10.88
N ILE A 183 -31.87 7.50 10.10
CA ILE A 183 -32.05 7.79 8.68
C ILE A 183 -32.68 9.17 8.44
N ASP A 184 -33.12 9.82 9.51
CA ASP A 184 -33.65 11.18 9.47
C ASP A 184 -32.56 12.24 9.55
N ASN A 185 -31.56 12.05 10.43
CA ASN A 185 -30.55 13.06 10.71
C ASN A 185 -29.49 12.95 9.62
N LEU A 186 -29.71 13.69 8.53
CA LEU A 186 -28.81 13.64 7.39
C LEU A 186 -27.47 14.28 7.73
N THR A 187 -27.35 14.82 8.94
CA THR A 187 -26.10 15.38 9.45
C THR A 187 -25.26 14.42 10.25
N SER A 188 -25.87 13.42 10.90
CA SER A 188 -25.13 12.56 11.83
C SER A 188 -23.91 11.94 11.14
N PRO A 189 -22.76 11.94 11.79
CA PRO A 189 -21.56 11.39 11.15
C PRO A 189 -21.65 9.89 10.92
N ASP A 190 -22.21 9.16 11.87
CA ASP A 190 -22.35 7.72 11.72
C ASP A 190 -23.20 7.35 10.51
N LEU A 191 -24.20 8.17 10.17
CA LEU A 191 -25.05 7.86 9.03
C LEU A 191 -24.31 7.98 7.71
N GLN A 192 -23.42 8.97 7.57
CA GLN A 192 -22.70 9.14 6.33
C GLN A 192 -21.69 8.02 6.13
N LEU A 193 -20.96 7.67 7.19
CA LEU A 193 -20.18 6.43 7.23
C LEU A 193 -20.94 5.30 6.53
N THR A 194 -22.17 5.07 7.00
CA THR A 194 -23.04 4.04 6.43
C THR A 194 -23.30 4.26 4.94
N VAL A 195 -23.39 5.52 4.52
CA VAL A 195 -23.59 5.80 3.10
C VAL A 195 -22.36 5.43 2.31
N GLY A 196 -21.20 6.00 2.68
CA GLY A 196 -19.96 5.66 2.02
C GLY A 196 -19.71 4.17 1.96
N ALA A 197 -20.19 3.44 2.98
CA ALA A 197 -20.02 2.00 3.01
C ALA A 197 -20.83 1.32 1.93
N VAL A 198 -22.10 1.70 1.78
CA VAL A 198 -22.88 1.12 0.68
C VAL A 198 -22.19 1.41 -0.64
N ILE A 199 -21.65 2.63 -0.79
CA ILE A 199 -20.90 2.95 -2.00
C ILE A 199 -19.70 2.03 -2.17
N VAL A 200 -19.00 1.77 -1.07
CA VAL A 200 -17.84 0.88 -1.13
C VAL A 200 -18.30 -0.56 -1.37
N GLU A 201 -19.42 -0.96 -0.79
CA GLU A 201 -20.03 -2.22 -1.17
C GLU A 201 -20.17 -2.31 -2.69
N GLU A 202 -20.76 -1.27 -3.29
CA GLU A 202 -21.00 -1.29 -4.73
C GLU A 202 -19.72 -1.09 -5.54
N MET A 203 -18.79 -0.29 -5.03
CA MET A 203 -17.47 -0.23 -5.66
C MET A 203 -16.80 -1.59 -5.62
N ARG A 204 -16.71 -2.19 -4.43
CA ARG A 204 -16.11 -3.50 -4.28
C ARG A 204 -16.86 -4.55 -5.10
N ALA A 205 -18.19 -4.49 -5.10
CA ALA A 205 -18.99 -5.41 -5.90
C ALA A 205 -18.71 -5.23 -7.38
N ALA A 206 -18.38 -4.01 -7.80
CA ALA A 206 -18.18 -3.75 -9.23
C ALA A 206 -16.81 -4.22 -9.70
N ILE A 207 -15.76 -4.03 -8.88
CA ILE A 207 -14.42 -4.47 -9.25
C ILE A 207 -14.38 -5.97 -9.47
N GLU A 208 -14.95 -6.73 -8.54
CA GLU A 208 -15.09 -8.17 -8.72
C GLU A 208 -15.86 -8.48 -10.00
N ARG A 209 -17.03 -7.82 -10.17
CA ARG A 209 -17.85 -8.00 -11.37
C ARG A 209 -17.01 -7.93 -12.64
N GLU A 210 -16.04 -7.02 -12.68
CA GLU A 210 -15.35 -6.66 -13.91
C GLU A 210 -13.87 -7.02 -13.95
N THR A 211 -13.29 -7.48 -12.85
CA THR A 211 -11.92 -7.99 -12.90
C THR A 211 -11.76 -9.40 -12.35
N GLY A 212 -12.70 -9.88 -11.53
CA GLY A 212 -12.53 -11.12 -10.79
C GLY A 212 -11.66 -10.98 -9.57
N PHE A 213 -11.21 -9.76 -9.27
CA PHE A 213 -10.32 -9.51 -8.14
C PHE A 213 -11.16 -9.13 -6.91
N GLN A 214 -11.01 -9.88 -5.85
CA GLN A 214 -11.60 -9.52 -4.57
C GLN A 214 -10.68 -8.57 -3.83
N CYS A 215 -11.27 -7.78 -2.92
CA CYS A 215 -10.50 -6.85 -2.10
C CYS A 215 -11.23 -6.62 -0.78
N SER A 216 -10.60 -5.82 0.07
CA SER A 216 -11.10 -5.50 1.40
C SER A 216 -10.98 -4.00 1.64
N ALA A 217 -11.88 -3.45 2.43
CA ALA A 217 -11.95 -2.01 2.57
C ALA A 217 -11.92 -1.60 4.04
N GLY A 218 -11.53 -0.35 4.24
CA GLY A 218 -11.85 0.38 5.45
C GLY A 218 -12.74 1.55 5.09
N ILE A 219 -13.70 1.85 5.97
CA ILE A 219 -14.52 3.06 5.85
C ILE A 219 -14.51 3.76 7.20
N SER A 220 -14.05 5.01 7.22
CA SER A 220 -14.04 5.77 8.46
C SER A 220 -13.97 7.26 8.14
N HIS A 221 -13.45 8.06 9.08
CA HIS A 221 -13.45 9.51 8.92
C HIS A 221 -12.14 10.07 8.39
N ASN A 222 -11.01 9.37 8.55
CA ASN A 222 -9.73 9.86 8.08
C ASN A 222 -8.92 8.73 7.47
N LYS A 223 -7.84 9.09 6.77
CA LYS A 223 -6.96 8.10 6.14
C LYS A 223 -6.55 6.98 7.10
N VAL A 224 -6.17 7.32 8.33
CA VAL A 224 -5.54 6.33 9.21
C VAL A 224 -6.55 5.31 9.68
N LEU A 225 -7.72 5.76 10.14
CA LEU A 225 -8.72 4.80 10.59
C LEU A 225 -9.12 3.89 9.45
N ALA A 226 -9.32 4.44 8.26
CA ALA A 226 -9.77 3.65 7.13
C ALA A 226 -8.76 2.55 6.80
N LYS A 227 -7.47 2.83 6.94
CA LYS A 227 -6.48 1.78 6.70
C LYS A 227 -6.56 0.71 7.78
N LEU A 228 -6.39 1.10 9.04
CA LEU A 228 -6.51 0.13 10.11
C LEU A 228 -7.85 -0.60 10.03
N ALA A 229 -8.92 0.13 9.70
CA ALA A 229 -10.22 -0.51 9.49
C ALA A 229 -10.13 -1.58 8.42
N CYS A 230 -9.44 -1.27 7.31
CA CYS A 230 -9.38 -2.20 6.18
C CYS A 230 -8.94 -3.58 6.61
N GLY A 231 -7.84 -3.66 7.36
CA GLY A 231 -7.16 -4.89 7.70
C GLY A 231 -7.81 -5.73 8.77
N LEU A 232 -8.87 -5.22 9.40
CA LEU A 232 -9.53 -5.92 10.50
C LEU A 232 -10.22 -7.20 10.03
N ASN A 233 -11.22 -7.06 9.19
CA ASN A 233 -11.89 -8.20 8.57
C ASN A 233 -11.44 -8.32 7.12
N LYS A 234 -10.98 -9.50 6.78
CA LYS A 234 -10.14 -9.71 5.61
C LYS A 234 -10.00 -11.22 5.48
N PRO A 235 -10.24 -11.80 4.30
CA PRO A 235 -10.45 -11.17 2.99
C PRO A 235 -11.91 -11.04 2.59
N ASN A 236 -12.11 -10.42 1.41
CA ASN A 236 -13.40 -10.14 0.79
C ASN A 236 -14.40 -9.45 1.72
N ARG A 237 -13.90 -8.65 2.69
CA ARG A 237 -14.73 -7.98 3.68
C ARG A 237 -14.32 -6.50 3.82
N GLN A 238 -15.23 -5.68 4.34
CA GLN A 238 -14.91 -4.30 4.68
C GLN A 238 -15.33 -4.02 6.13
N THR A 239 -14.66 -3.08 6.78
CA THR A 239 -14.99 -2.68 8.14
C THR A 239 -15.34 -1.20 8.14
N LEU A 240 -16.32 -0.83 8.97
CA LEU A 240 -16.75 0.55 9.15
C LEU A 240 -16.36 0.95 10.57
N VAL A 241 -15.11 1.36 10.76
CA VAL A 241 -14.71 1.86 12.06
CA VAL A 241 -14.71 1.86 12.06
C VAL A 241 -15.40 3.20 12.27
N SER A 242 -16.47 3.20 13.05
CA SER A 242 -17.19 4.41 13.36
C SER A 242 -16.47 5.20 14.44
N HIS A 243 -16.74 6.50 14.49
CA HIS A 243 -16.08 7.38 15.44
C HIS A 243 -16.17 6.84 16.86
N GLY A 244 -17.32 6.24 17.22
CA GLY A 244 -17.49 5.63 18.52
C GLY A 244 -16.73 4.34 18.72
N SER A 245 -16.35 3.66 17.62
CA SER A 245 -15.52 2.45 17.75
C SER A 245 -14.17 2.76 18.36
N VAL A 246 -13.69 3.99 18.17
CA VAL A 246 -12.25 4.25 18.33
C VAL A 246 -11.76 4.00 19.74
N PRO A 247 -12.44 4.44 20.80
CA PRO A 247 -11.90 4.19 22.15
C PRO A 247 -11.76 2.71 22.46
N GLN A 248 -12.72 1.89 22.05
CA GLN A 248 -12.58 0.45 22.19
C GLN A 248 -11.48 -0.08 21.26
N LEU A 249 -11.50 0.36 20.00
CA LEU A 249 -10.56 -0.16 19.01
C LEU A 249 -9.11 0.18 19.37
N PHE A 250 -8.89 1.39 19.86
CA PHE A 250 -7.54 1.82 20.18
C PHE A 250 -7.03 1.29 21.51
N SER A 251 -7.94 0.93 22.43
CA SER A 251 -7.53 0.51 23.76
C SER A 251 -6.46 -0.57 23.71
N GLN A 252 -6.59 -1.53 22.80
CA GLN A 252 -5.64 -2.63 22.70
C GLN A 252 -4.92 -2.67 21.35
N MET A 253 -5.09 -1.66 20.51
CA MET A 253 -4.36 -1.57 19.25
C MET A 253 -2.89 -1.23 19.50
N PRO A 254 -1.93 -2.06 19.06
CA PRO A 254 -0.51 -1.72 19.22
C PRO A 254 -0.11 -0.56 18.33
N ILE A 255 0.66 0.37 18.91
CA ILE A 255 0.88 1.66 18.26
C ILE A 255 1.53 1.49 16.89
N ARG A 256 2.41 0.49 16.73
CA ARG A 256 3.12 0.30 15.46
C ARG A 256 2.19 -0.10 14.33
N LYS A 257 0.93 -0.39 14.60
CA LYS A 257 0.01 -0.77 13.54
C LYS A 257 -0.64 0.43 12.88
N ILE A 258 -0.27 1.64 13.29
CA ILE A 258 -0.80 2.88 12.73
C ILE A 258 0.16 3.35 11.64
N ARG A 259 -0.34 3.53 10.41
CA ARG A 259 0.53 4.00 9.34
C ARG A 259 1.21 5.27 9.80
N SER A 260 2.50 5.39 9.47
N SER A 260 2.52 5.37 9.49
CA SER A 260 3.44 6.43 9.91
CA SER A 260 3.47 6.41 9.90
C SER A 260 4.15 6.00 11.20
C SER A 260 4.14 6.04 11.22
N LEU A 261 3.44 5.29 12.07
CA LEU A 261 4.00 4.85 13.34
C LEU A 261 4.70 3.50 13.22
N GLY A 262 4.83 2.97 12.00
CA GLY A 262 5.45 1.68 11.84
C GLY A 262 6.95 1.69 12.04
N GLY A 263 7.60 2.81 11.78
CA GLY A 263 9.06 2.86 11.82
C GLY A 263 9.66 3.29 13.14
N LYS A 264 10.66 4.18 13.06
CA LYS A 264 11.40 4.61 14.25
C LYS A 264 10.54 5.41 15.21
N LEU A 265 9.83 6.42 14.70
CA LEU A 265 9.04 7.32 15.52
C LEU A 265 8.25 6.54 16.56
N GLY A 266 7.40 5.61 16.09
CA GLY A 266 6.67 4.77 17.01
C GLY A 266 7.58 3.97 17.92
N ALA A 267 8.65 3.42 17.36
CA ALA A 267 9.58 2.62 18.16
C ALA A 267 10.02 3.38 19.40
N SER A 268 10.42 4.64 19.23
CA SER A 268 10.76 5.46 20.38
C SER A 268 9.54 5.89 21.16
N VAL A 269 8.39 6.06 20.49
CA VAL A 269 7.16 6.42 21.21
CA VAL A 269 7.16 6.42 21.21
C VAL A 269 6.90 5.46 22.35
N ILE A 270 7.13 4.17 22.12
CA ILE A 270 7.05 3.19 23.20
C ILE A 270 8.21 3.38 24.16
N GLU A 271 9.43 3.52 23.63
CA GLU A 271 10.62 3.55 24.48
C GLU A 271 10.68 4.79 25.34
N ILE A 272 10.09 5.89 24.90
CA ILE A 272 10.06 7.10 25.70
C ILE A 272 8.85 7.11 26.62
N LEU A 273 7.64 6.97 26.07
CA LEU A 273 6.43 7.11 26.88
C LEU A 273 6.17 5.89 27.77
N GLY A 274 6.65 4.70 27.38
CA GLY A 274 6.50 3.53 28.21
C GLY A 274 5.22 2.77 28.00
N ILE A 275 4.74 2.70 26.75
CA ILE A 275 3.44 2.10 26.51
C ILE A 275 3.53 1.07 25.39
N GLU A 276 2.37 0.62 24.90
CA GLU A 276 2.31 -0.42 23.88
C GLU A 276 1.10 -0.25 22.97
N TYR A 277 0.01 0.28 23.51
CA TYR A 277 -1.25 0.39 22.80
C TYR A 277 -1.53 1.83 22.40
N MET A 278 -2.41 1.98 21.41
CA MET A 278 -2.81 3.31 20.96
C MET A 278 -3.63 4.04 22.03
N GLY A 279 -4.38 3.29 22.85
CA GLY A 279 -5.12 3.91 23.93
C GLY A 279 -4.23 4.47 25.02
N GLU A 280 -3.18 3.72 25.40
CA GLU A 280 -2.28 4.18 26.44
C GLU A 280 -1.65 5.54 26.14
N LEU A 281 -1.70 5.98 24.88
CA LEU A 281 -1.06 7.20 24.39
C LEU A 281 -1.82 8.47 24.76
N THR A 282 -2.99 8.32 25.35
CA THR A 282 -3.96 9.41 25.48
C THR A 282 -3.85 10.16 26.81
N GLN A 283 -3.14 9.62 27.79
CA GLN A 283 -3.04 10.20 29.13
C GLN A 283 -2.00 11.33 29.20
N PHE A 284 -1.83 12.06 28.09
CA PHE A 284 -0.78 13.08 27.96
C PHE A 284 -1.36 14.33 27.32
N THR A 285 -0.73 15.48 27.62
CA THR A 285 -1.12 16.77 27.05
C THR A 285 -0.46 16.96 25.69
N GLU A 286 -1.17 17.66 24.80
CA GLU A 286 -0.54 18.02 23.53
C GLU A 286 0.74 18.81 23.75
N SER A 287 0.76 19.64 24.79
CA SER A 287 2.04 20.19 25.24
C SER A 287 2.99 19.07 25.64
N GLN A 288 2.61 18.28 26.66
CA GLN A 288 3.49 17.24 27.20
C GLN A 288 4.10 16.36 26.11
N LEU A 289 3.31 15.98 25.11
CA LEU A 289 3.82 15.05 24.10
C LEU A 289 4.90 15.70 23.25
N GLN A 290 4.77 16.99 22.95
CA GLN A 290 5.69 17.68 22.06
C GLN A 290 7.11 17.68 22.61
N SER A 291 7.26 17.88 23.92
CA SER A 291 8.58 17.86 24.53
C SER A 291 9.25 16.51 24.36
N HIS A 292 8.47 15.43 24.36
CA HIS A 292 9.01 14.10 24.11
C HIS A 292 9.22 13.79 22.64
N PHE A 293 8.56 14.52 21.74
CA PHE A 293 8.71 14.21 20.32
C PHE A 293 8.84 15.48 19.48
N GLY A 294 8.20 15.53 18.32
CA GLY A 294 8.27 16.72 17.51
C GLY A 294 7.43 17.85 18.09
N GLU A 295 7.56 19.02 17.48
CA GLU A 295 6.52 20.02 17.71
C GLU A 295 5.28 19.67 16.91
N LYS A 296 5.48 19.05 15.74
CA LYS A 296 4.42 18.46 14.93
C LYS A 296 4.03 17.05 15.40
N ASN A 297 4.80 16.43 16.28
CA ASN A 297 4.48 15.05 16.62
C ASN A 297 3.78 14.90 17.96
N GLY A 298 4.13 15.72 18.95
CA GLY A 298 3.24 15.83 20.09
C GLY A 298 1.83 16.18 19.66
N SER A 299 1.72 16.93 18.57
CA SER A 299 0.43 17.29 18.00
CA SER A 299 0.43 17.29 17.99
C SER A 299 -0.22 16.07 17.36
N TRP A 300 0.33 15.64 16.22
CA TRP A 300 -0.29 14.60 15.42
C TRP A 300 -0.69 13.39 16.25
N LEU A 301 0.24 12.88 17.08
CA LEU A 301 -0.10 11.82 18.02
C LEU A 301 -1.37 12.18 18.81
N TYR A 302 -1.35 13.36 19.44
CA TYR A 302 -2.40 13.74 20.37
C TYR A 302 -3.78 13.73 19.71
N ALA A 303 -3.86 14.04 18.41
CA ALA A 303 -5.13 13.89 17.69
C ALA A 303 -5.36 12.45 17.27
N MET A 304 -4.29 11.75 16.88
CA MET A 304 -4.47 10.39 16.38
C MET A 304 -5.03 9.50 17.47
N CYS A 305 -4.33 9.41 18.61
CA CYS A 305 -4.83 8.54 19.66
C CYS A 305 -6.23 8.96 20.11
N ARG A 306 -6.73 10.10 19.65
CA ARG A 306 -8.13 10.46 19.79
C ARG A 306 -8.85 10.39 18.45
N GLY A 307 -8.45 9.44 17.60
CA GLY A 307 -9.20 9.14 16.39
C GLY A 307 -9.38 10.28 15.42
N ILE A 308 -8.46 11.25 15.42
CA ILE A 308 -8.58 12.42 14.56
C ILE A 308 -7.30 12.58 13.77
N GLU A 309 -7.43 12.71 12.45
CA GLU A 309 -6.32 12.91 11.54
C GLU A 309 -6.82 13.74 10.38
N HIS A 310 -5.93 14.56 9.80
CA HIS A 310 -6.36 15.52 8.79
C HIS A 310 -5.63 15.47 7.46
N ASP A 311 -4.67 14.53 7.27
CA ASP A 311 -3.99 14.40 5.97
C ASP A 311 -4.99 14.07 4.87
N PRO A 312 -5.25 15.00 3.94
CA PRO A 312 -6.34 14.78 2.97
C PRO A 312 -5.97 13.75 1.92
N VAL A 313 -7.02 13.13 1.35
CA VAL A 313 -6.89 12.25 0.18
C VAL A 313 -6.45 13.09 -1.01
N LYS A 314 -5.16 13.13 -1.24
CA LYS A 314 -4.63 13.89 -2.36
C LYS A 314 -5.03 13.16 -3.63
N PRO A 315 -6.01 13.66 -4.39
CA PRO A 315 -6.50 12.88 -5.53
C PRO A 315 -5.45 12.85 -6.63
N ARG A 316 -5.02 11.63 -6.97
CA ARG A 316 -3.86 11.41 -7.82
C ARG A 316 -3.73 9.92 -8.07
N GLN A 317 -4.20 9.47 -9.22
CA GLN A 317 -4.17 8.06 -9.56
C GLN A 317 -2.90 7.68 -10.33
N LEU A 318 -1.91 8.56 -10.37
CA LEU A 318 -0.79 8.45 -11.29
C LEU A 318 0.53 8.85 -10.63
N PRO A 319 1.46 7.90 -10.47
CA PRO A 319 2.71 8.18 -9.75
C PRO A 319 3.48 9.38 -10.32
N LYS A 320 4.13 10.12 -9.42
CA LYS A 320 4.97 11.25 -9.79
C LYS A 320 6.35 10.85 -10.28
N THR A 321 6.74 9.59 -10.07
CA THR A 321 8.08 9.12 -10.37
C THR A 321 8.01 7.75 -10.99
N ILE A 322 8.87 7.50 -11.98
CA ILE A 322 9.01 6.17 -12.57
C ILE A 322 10.44 5.72 -12.36
N GLY A 323 10.59 4.47 -11.91
CA GLY A 323 11.89 3.97 -11.53
C GLY A 323 12.09 2.49 -11.72
N CYS A 324 13.34 2.14 -12.01
CA CYS A 324 13.78 0.77 -12.20
C CYS A 324 14.91 0.51 -11.21
N SER A 325 14.80 -0.58 -10.46
CA SER A 325 15.78 -0.91 -9.42
C SER A 325 16.13 -2.38 -9.50
N LYS A 326 17.33 -2.72 -9.05
CA LYS A 326 17.73 -4.12 -8.96
C LYS A 326 18.83 -4.25 -7.92
N ASN A 327 18.68 -5.24 -7.05
CA ASN A 327 19.68 -5.53 -6.04
C ASN A 327 20.72 -6.49 -6.58
N PHE A 328 21.94 -6.38 -6.04
CA PHE A 328 23.05 -7.28 -6.35
C PHE A 328 23.65 -7.79 -5.05
N PRO A 329 22.89 -8.60 -4.32
CA PRO A 329 23.34 -9.05 -2.99
C PRO A 329 24.49 -10.02 -3.07
N GLY A 330 25.21 -10.11 -1.95
CA GLY A 330 26.17 -11.19 -1.77
C GLY A 330 27.34 -11.11 -2.72
N LYS A 331 27.81 -12.27 -3.15
CA LYS A 331 28.95 -12.35 -4.07
C LYS A 331 28.57 -11.97 -5.49
N THR A 332 27.35 -11.46 -5.68
CA THR A 332 26.90 -10.96 -6.96
C THR A 332 26.94 -9.45 -7.04
N ALA A 333 27.55 -8.79 -6.06
CA ALA A 333 27.77 -7.35 -6.21
C ALA A 333 28.74 -7.10 -7.38
N LEU A 334 28.66 -5.89 -7.94
CA LEU A 334 29.34 -5.55 -9.18
C LEU A 334 30.69 -4.89 -8.91
N ALA A 335 31.73 -5.37 -9.59
CA ALA A 335 33.10 -4.91 -9.33
C ALA A 335 33.89 -4.83 -10.63
N THR A 336 33.29 -4.23 -11.66
CA THR A 336 33.93 -3.99 -12.96
C THR A 336 33.33 -2.73 -13.55
N ARG A 337 34.17 -1.91 -14.20
CA ARG A 337 33.65 -0.82 -15.01
C ARG A 337 32.70 -1.35 -16.08
N GLU A 338 33.08 -2.44 -16.75
CA GLU A 338 32.23 -3.03 -17.77
C GLU A 338 30.96 -3.62 -17.18
N GLN A 339 31.02 -4.08 -15.92
CA GLN A 339 29.84 -4.70 -15.31
C GLN A 339 28.82 -3.66 -14.85
N VAL A 340 29.28 -2.58 -14.20
CA VAL A 340 28.36 -1.52 -13.80
C VAL A 340 27.70 -0.90 -15.03
N GLN A 341 28.48 -0.68 -16.09
CA GLN A 341 27.93 -0.02 -17.27
C GLN A 341 26.82 -0.84 -17.91
N TRP A 342 26.98 -2.16 -17.93
CA TRP A 342 26.01 -3.00 -18.63
C TRP A 342 24.62 -2.88 -18.03
N TRP A 343 24.52 -3.03 -16.70
CA TRP A 343 23.24 -3.01 -16.01
C TRP A 343 22.58 -1.64 -16.07
N LEU A 344 23.36 -0.58 -15.85
CA LEU A 344 22.85 0.78 -15.99
C LEU A 344 22.15 0.95 -17.33
N LEU A 345 22.74 0.41 -18.41
CA LEU A 345 22.00 0.33 -19.66
C LEU A 345 20.80 -0.59 -19.51
N GLN A 346 21.04 -1.81 -19.04
CA GLN A 346 19.94 -2.75 -18.80
C GLN A 346 18.83 -2.08 -18.00
N LEU A 347 19.18 -1.30 -16.98
CA LEU A 347 18.13 -0.58 -16.26
C LEU A 347 17.50 0.47 -17.16
N ALA A 348 18.34 1.20 -17.91
CA ALA A 348 17.83 2.29 -18.75
C ALA A 348 16.97 1.79 -19.88
N GLN A 349 17.04 0.49 -20.18
CA GLN A 349 16.27 -0.03 -21.30
C GLN A 349 14.81 -0.27 -20.93
N GLU A 350 14.56 -0.84 -19.75
CA GLU A 350 13.19 -0.98 -19.31
C GLU A 350 12.60 0.36 -18.91
N LEU A 351 13.45 1.31 -18.53
CA LEU A 351 12.95 2.61 -18.08
C LEU A 351 12.42 3.39 -19.27
N GLU A 352 13.15 3.37 -20.39
CA GLU A 352 12.66 3.96 -21.64
C GLU A 352 11.27 3.41 -22.01
N GLU A 353 11.18 2.08 -22.19
CA GLU A 353 9.91 1.37 -22.39
C GLU A 353 8.75 1.96 -21.59
N ARG A 354 8.92 2.06 -20.26
CA ARG A 354 7.82 2.55 -19.43
C ARG A 354 7.55 4.03 -19.69
N LEU A 355 8.62 4.84 -19.82
CA LEU A 355 8.45 6.27 -20.03
C LEU A 355 7.72 6.56 -21.33
N THR A 356 7.99 5.76 -22.37
CA THR A 356 7.21 5.89 -23.59
C THR A 356 5.78 5.43 -23.37
N LYS A 357 5.61 4.30 -22.68
CA LYS A 357 4.27 3.90 -22.28
C LYS A 357 3.60 5.04 -21.52
N ASP A 358 4.38 5.79 -20.76
CA ASP A 358 3.83 6.91 -20.01
C ASP A 358 3.46 8.05 -20.95
N ARG A 359 4.37 8.44 -21.84
CA ARG A 359 4.12 9.50 -22.80
C ARG A 359 2.75 9.36 -23.46
N ASN A 360 2.57 8.27 -24.21
CA ASN A 360 1.37 8.06 -25.00
C ASN A 360 0.15 7.64 -24.19
N ASP A 361 0.30 7.39 -22.90
CA ASP A 361 -0.81 7.12 -21.99
C ASP A 361 -1.30 8.38 -21.28
N ASN A 362 -0.37 9.11 -20.65
CA ASN A 362 -0.67 10.17 -19.70
C ASN A 362 -0.31 11.55 -20.21
N ASP A 363 0.32 11.64 -21.39
CA ASP A 363 0.75 12.91 -21.97
C ASP A 363 1.55 13.74 -20.96
N ARG A 364 2.76 13.27 -20.71
CA ARG A 364 3.70 13.92 -19.82
C ARG A 364 5.08 13.36 -20.15
N VAL A 365 6.12 14.02 -19.61
CA VAL A 365 7.50 13.64 -19.89
C VAL A 365 8.38 14.06 -18.70
N ALA A 366 9.26 13.15 -18.28
CA ALA A 366 10.15 13.43 -17.15
C ALA A 366 11.32 14.30 -17.57
N THR A 367 11.87 15.03 -16.60
CA THR A 367 12.85 16.08 -16.88
C THR A 367 14.20 15.85 -16.21
N GLN A 368 14.21 15.35 -14.97
CA GLN A 368 15.44 15.00 -14.28
C GLN A 368 15.52 13.50 -14.07
N LEU A 369 16.75 12.98 -14.12
CA LEU A 369 17.04 11.58 -13.85
C LEU A 369 17.77 11.45 -12.52
N VAL A 370 17.33 10.51 -11.69
CA VAL A 370 18.01 10.19 -10.45
C VAL A 370 18.74 8.87 -10.65
N VAL A 371 20.04 8.87 -10.39
CA VAL A 371 20.83 7.65 -10.33
C VAL A 371 21.24 7.45 -8.88
N SER A 372 21.09 6.23 -8.39
CA SER A 372 21.27 5.91 -6.98
C SER A 372 22.00 4.59 -6.89
N ILE A 373 22.88 4.45 -5.89
CA ILE A 373 23.61 3.19 -5.70
C ILE A 373 23.71 2.88 -4.22
N ARG A 374 23.74 1.59 -3.89
CA ARG A 374 24.06 1.11 -2.54
C ARG A 374 25.42 0.45 -2.56
N VAL A 375 26.09 0.44 -1.42
CA VAL A 375 27.44 -0.11 -1.35
C VAL A 375 27.47 -1.26 -0.35
N GLN A 376 28.38 -2.19 -0.58
CA GLN A 376 28.58 -3.32 0.31
C GLN A 376 29.22 -2.82 1.59
N GLY A 377 28.43 -2.77 2.66
CA GLY A 377 28.91 -2.20 3.91
C GLY A 377 28.05 -1.08 4.44
N ASP A 378 27.69 -0.10 3.60
CA ASP A 378 26.98 1.07 4.09
C ASP A 378 25.62 0.68 4.66
N LYS A 379 25.41 1.10 5.91
CA LYS A 379 24.11 1.01 6.58
C LYS A 379 23.24 2.12 6.01
N ARG A 380 22.75 1.88 4.79
CA ARG A 380 21.90 2.80 4.05
C ARG A 380 21.33 2.04 2.85
N LEU A 381 20.14 2.44 2.43
CA LEU A 381 19.57 2.02 1.15
C LEU A 381 20.30 2.74 0.02
N SER A 382 20.18 4.06 -0.03
CA SER A 382 20.87 4.89 -1.00
C SER A 382 22.13 5.45 -0.34
N SER A 383 23.27 4.82 -0.60
CA SER A 383 24.54 5.40 -0.19
C SER A 383 24.87 6.68 -0.96
N LEU A 384 24.31 6.84 -2.15
CA LEU A 384 24.51 8.02 -2.99
C LEU A 384 23.29 8.20 -3.89
N ARG A 385 23.03 9.45 -4.27
CA ARG A 385 21.84 9.79 -5.05
C ARG A 385 22.12 11.10 -5.76
N ARG A 386 22.53 11.02 -7.02
CA ARG A 386 22.97 12.19 -7.78
C ARG A 386 21.99 12.50 -8.90
N CYS A 387 21.35 13.67 -8.80
CA CYS A 387 20.19 14.05 -9.61
C CYS A 387 20.66 14.86 -10.81
N CYS A 388 20.42 14.33 -12.02
CA CYS A 388 20.90 14.96 -13.24
C CYS A 388 19.77 15.36 -14.18
N ALA A 389 20.08 15.59 -15.47
CA ALA A 389 19.12 16.07 -16.46
C ALA A 389 18.70 14.94 -17.40
N LEU A 390 17.52 15.10 -18.01
CA LEU A 390 16.88 14.03 -18.80
C LEU A 390 16.17 14.65 -20.00
N THR A 391 16.80 14.60 -21.17
CA THR A 391 16.16 15.12 -22.37
C THR A 391 15.42 14.00 -23.10
N ARG A 392 16.09 13.32 -24.02
CA ARG A 392 15.43 12.29 -24.82
C ARG A 392 15.34 10.97 -24.06
N TYR A 393 14.26 10.24 -24.33
CA TYR A 393 14.03 8.91 -23.77
C TYR A 393 14.82 7.86 -24.57
N ASP A 394 16.15 7.91 -24.46
CA ASP A 394 16.97 6.85 -25.02
C ASP A 394 17.87 6.26 -23.95
N ALA A 395 17.93 4.94 -23.90
CA ALA A 395 18.66 4.24 -22.85
C ALA A 395 20.16 4.55 -22.92
N HIS A 396 20.75 4.38 -24.10
CA HIS A 396 22.19 4.61 -24.24
C HIS A 396 22.61 5.98 -23.72
N LYS A 397 21.76 6.99 -23.94
CA LYS A 397 22.04 8.31 -23.36
C LYS A 397 21.91 8.27 -21.85
N MET A 398 20.80 7.75 -21.35
CA MET A 398 20.63 7.62 -19.91
C MET A 398 21.65 6.66 -19.33
N SER A 399 21.89 5.53 -20.01
CA SER A 399 22.96 4.60 -19.65
C SER A 399 24.25 5.36 -19.39
N HIS A 400 24.82 5.96 -20.44
CA HIS A 400 26.12 6.60 -20.28
C HIS A 400 26.06 7.77 -19.31
N ASP A 401 24.97 8.55 -19.36
CA ASP A 401 24.93 9.76 -18.54
C ASP A 401 24.80 9.43 -17.06
N ALA A 402 23.94 8.47 -16.72
CA ALA A 402 23.83 8.07 -15.31
C ALA A 402 25.13 7.45 -14.80
N PHE A 403 25.92 6.84 -15.68
CA PHE A 403 27.21 6.28 -15.27
C PHE A 403 28.20 7.40 -14.96
N THR A 404 28.42 8.28 -15.93
CA THR A 404 29.36 9.39 -15.76
C THR A 404 29.04 10.18 -14.51
N VAL A 405 27.79 10.19 -14.09
CA VAL A 405 27.45 10.74 -12.79
C VAL A 405 28.23 10.04 -11.68
N ILE A 406 28.17 8.71 -11.66
CA ILE A 406 28.66 7.96 -10.51
C ILE A 406 30.10 7.46 -10.65
N LYS A 407 30.71 7.58 -11.84
CA LYS A 407 32.02 6.95 -12.06
C LYS A 407 33.10 7.47 -11.12
N ASN A 408 32.86 8.62 -10.50
CA ASN A 408 33.87 9.29 -9.69
C ASN A 408 33.77 8.96 -8.20
N CYS A 409 32.99 7.95 -7.83
CA CYS A 409 33.00 7.44 -6.46
C CYS A 409 33.62 6.05 -6.39
N ASN A 410 33.97 5.47 -7.54
CA ASN A 410 34.86 4.32 -7.55
C ASN A 410 36.17 4.70 -6.88
N THR A 411 36.78 3.75 -6.16
CA THR A 411 38.11 3.95 -5.59
C THR A 411 39.07 2.84 -5.98
N SER A 412 38.78 2.12 -7.06
CA SER A 412 39.74 1.16 -7.58
C SER A 412 40.73 1.88 -8.50
N GLY A 413 42.02 1.65 -8.24
CA GLY A 413 43.05 2.24 -9.05
C GLY A 413 43.43 1.35 -10.22
N ILE A 414 42.44 0.94 -11.02
CA ILE A 414 42.72 0.18 -12.23
C ILE A 414 41.63 0.50 -13.25
N GLN A 415 40.57 1.16 -12.79
CA GLN A 415 39.45 1.63 -13.62
C GLN A 415 38.76 0.50 -14.40
N THR A 416 39.43 -0.63 -14.59
CA THR A 416 38.74 -1.81 -15.10
C THR A 416 37.86 -2.43 -14.01
N GLU A 417 38.32 -2.37 -12.76
CA GLU A 417 37.59 -2.93 -11.63
C GLU A 417 36.83 -1.82 -10.88
N TRP A 418 36.06 -2.21 -9.87
CA TRP A 418 35.17 -1.29 -9.16
C TRP A 418 35.06 -1.71 -7.70
N SER A 419 35.31 -0.76 -6.78
CA SER A 419 35.31 -1.09 -5.36
C SER A 419 35.00 0.14 -4.54
N PRO A 420 34.22 0.02 -3.43
CA PRO A 420 33.57 -1.19 -2.90
C PRO A 420 32.40 -1.58 -3.79
N PRO A 421 32.21 -2.87 -4.07
CA PRO A 421 31.20 -3.26 -5.06
C PRO A 421 29.82 -2.78 -4.67
N LEU A 422 28.97 -2.66 -5.69
CA LEU A 422 27.65 -2.06 -5.55
C LEU A 422 26.60 -3.14 -5.33
N THR A 423 25.70 -2.89 -4.37
CA THR A 423 24.58 -3.78 -4.08
C THR A 423 23.29 -3.34 -4.76
N MET A 424 23.25 -2.15 -5.35
CA MET A 424 21.99 -1.68 -5.90
C MET A 424 22.24 -0.62 -6.96
N LEU A 425 21.47 -0.69 -8.04
CA LEU A 425 21.33 0.39 -8.99
C LEU A 425 19.86 0.77 -9.03
N PHE A 426 19.59 2.06 -8.86
CA PHE A 426 18.24 2.59 -8.86
C PHE A 426 18.26 3.69 -9.91
N LEU A 427 17.59 3.45 -11.04
CA LEU A 427 17.35 4.48 -12.03
C LEU A 427 15.91 4.95 -11.89
N CYS A 428 15.73 6.26 -11.72
CA CYS A 428 14.40 6.76 -11.36
C CYS A 428 14.15 8.11 -12.03
N ALA A 429 13.07 8.16 -12.80
CA ALA A 429 12.68 9.37 -13.53
C ALA A 429 11.62 10.12 -12.75
N THR A 430 11.88 11.41 -12.51
CA THR A 430 11.01 12.26 -11.73
C THR A 430 10.72 13.51 -12.52
N LYS A 431 9.89 14.37 -11.94
CA LYS A 431 9.58 15.68 -12.48
C LYS A 431 8.95 15.56 -13.87
N PHE A 432 7.72 15.07 -13.88
CA PHE A 432 6.93 14.93 -15.10
C PHE A 432 6.20 16.23 -15.40
N SER A 433 6.50 16.84 -16.55
CA SER A 433 5.84 18.05 -17.01
C SER A 433 4.73 17.71 -18.01
N ALA A 434 3.68 18.52 -17.99
CA ALA A 434 2.55 18.37 -18.92
C ALA A 434 2.91 18.88 -20.31
N SER A 435 3.39 17.99 -21.19
CA SER A 435 3.70 18.35 -22.58
C SER A 435 2.95 17.45 -23.59
N2 XB9 B 4 11.26 -6.00 -0.27
N1 XB9 B 4 12.48 -6.61 -2.09
C2 XB9 B 4 11.29 -6.35 -1.56
O1 XB9 B 4 10.25 -6.42 -2.21
C1' XB9 B 4 12.65 -7.03 -3.48
C2' XB9 B 4 13.99 -6.47 -3.92
C3' XB9 B 4 14.70 -7.60 -4.62
C4' XB9 B 4 14.02 -8.87 -4.12
C5' XB9 B 4 14.89 -9.56 -3.07
O3' XB9 B 4 14.46 -7.51 -6.02
O4' XB9 B 4 12.78 -8.45 -3.55
O5' XB9 B 4 15.22 -8.59 -2.08
OP1 XB9 B 4 16.80 -7.42 -0.45
P XB9 B 4 16.65 -8.63 -1.35
O2 XB9 B 4 17.73 -8.68 -2.42
O2 1FZ D . 7.05 -6.74 -4.22
O4 1FZ D . 8.09 -5.59 0.17
C4 1FZ D . 7.29 -5.81 -0.69
C5 1FZ D . 5.83 -5.72 -0.37
C6 1FZ D . 4.81 -5.99 -1.45
C5M 1FZ D . 5.38 -5.34 1.04
N3 1FZ D . 7.71 -6.18 -2.05
C2 1FZ D . 6.69 -6.46 -3.12
N1 1FZ D . 5.24 -6.36 -2.81
C1' 1FZ D . 4.19 -6.64 -3.92
C2' 1FZ D . 3.64 -7.77 -3.75
C3' 1FZ D . 2.11 -7.49 -3.25
O3' 1FZ D . 1.22 -8.57 -3.72
O4' 1FZ D . 3.05 -5.58 -3.96
C4' 1FZ D . 1.75 -6.35 -3.73
C5' 1FZ D . 0.91 -5.62 -2.61
O5' 1FZ D . 1.58 -5.87 -1.38
PA 1FZ D . 0.66 -5.91 0.02
O1A 1FZ D . 1.50 -5.52 1.24
O2A 1FZ D . -0.55 -5.00 -0.18
N3A 1FZ D . 0.20 -7.54 0.37
PB 1FZ D . -0.90 -8.45 -0.59
O1B 1FZ D . -1.76 -7.57 -1.47
O2B 1FZ D . -0.09 -9.44 -1.42
O3B 1FZ D . -1.81 -9.33 0.49
PG 1FZ D . -3.00 -8.67 1.45
O1G 1FZ D . -3.35 -7.25 1.01
O3G 1FZ D . -2.53 -8.69 2.89
O2G 1FZ D . -4.21 -9.58 1.27
MG MG E . -2.78 -5.86 -0.78
#